data_5AOS
#
_entry.id   5AOS
#
_cell.length_a   43.393
_cell.length_b   45.214
_cell.length_c   49.563
_cell.angle_alpha   90.00
_cell.angle_beta   90.00
_cell.angle_gamma   90.00
#
_symmetry.space_group_name_H-M   'P 21 21 21'
#
loop_
_entity.id
_entity.type
_entity.pdbx_description
1 polymer 'Carbohydrate binding module'
2 non-polymer 'CACODYLATE ION'
3 non-polymer GLYCEROL
4 water water
#
_entity_poly.entity_id   1
_entity_poly.type   'polypeptide(L)'
_entity_poly.pdbx_seq_one_letter_code
;MGAEEESTAILYPFTISGNDRNGNFTINFKGTPNSTNNGCIGYSYNGDWEKIEWEGSCDGNGNLVVEVPMSKIPAGVTSG
EIQIWWHSGDLKMTDYKALEHHHHHH
;
_entity_poly.pdbx_strand_id   A
#
# COMPACT_ATOMS: atom_id res chain seq x y z
N SER A 7 -2.29 17.23 6.41
CA SER A 7 -2.53 15.88 5.76
C SER A 7 -3.82 15.17 6.30
N THR A 8 -4.72 14.86 5.38
CA THR A 8 -5.95 14.13 5.66
C THR A 8 -5.75 12.61 5.50
N ALA A 9 -4.66 12.16 4.96
CA ALA A 9 -4.42 10.74 4.74
C ALA A 9 -3.74 10.09 5.94
N ILE A 10 -3.97 8.81 6.12
CA ILE A 10 -3.22 8.02 7.12
C ILE A 10 -1.98 7.47 6.39
N LEU A 11 -0.78 7.67 6.95
CA LEU A 11 0.48 7.54 6.20
C LEU A 11 1.35 6.42 6.69
N TYR A 12 1.94 5.68 5.73
CA TYR A 12 2.87 4.60 6.06
C TYR A 12 4.05 4.67 5.09
N PRO A 13 5.13 5.37 5.45
CA PRO A 13 6.33 5.44 4.60
C PRO A 13 6.92 4.08 4.34
N PHE A 14 7.57 3.93 3.17
CA PHE A 14 8.41 2.76 2.83
C PHE A 14 9.53 3.20 1.90
N THR A 15 10.61 2.33 1.89
CA THR A 15 11.65 2.36 0.86
C THR A 15 11.77 1.02 0.18
N ILE A 16 12.20 0.99 -1.06
CA ILE A 16 12.30 -0.23 -1.90
C ILE A 16 13.63 -0.08 -2.66
N SER A 17 14.01 -1.20 -3.28
CA SER A 17 15.01 -1.29 -4.37
C SER A 17 14.63 -0.42 -5.46
N GLY A 18 15.58 0.26 -6.10
CA GLY A 18 15.28 1.05 -7.29
C GLY A 18 15.12 0.19 -8.52
N ASN A 19 15.60 -1.06 -8.45
CA ASN A 19 15.71 -1.85 -9.68
C ASN A 19 14.78 -3.05 -9.78
N ASP A 20 14.59 -3.77 -8.70
CA ASP A 20 13.85 -5.01 -8.72
CA ASP A 20 13.84 -5.03 -8.78
C ASP A 20 12.35 -4.74 -8.82
N ARG A 21 11.68 -5.33 -9.80
CA ARG A 21 10.26 -5.10 -10.01
C ARG A 21 9.46 -6.39 -10.19
N ASN A 22 9.99 -7.48 -9.63
CA ASN A 22 9.29 -8.77 -9.67
CA ASN A 22 9.33 -8.77 -9.65
C ASN A 22 8.19 -8.84 -8.64
N GLY A 23 7.18 -9.62 -8.94
CA GLY A 23 6.15 -9.96 -7.98
C GLY A 23 5.22 -8.80 -7.67
N ASN A 24 4.62 -8.89 -6.48
CA ASN A 24 3.60 -7.96 -6.01
C ASN A 24 4.08 -7.17 -4.79
N PHE A 25 3.49 -6.00 -4.62
CA PHE A 25 3.51 -5.24 -3.39
C PHE A 25 2.18 -5.59 -2.71
N THR A 26 2.25 -6.35 -1.63
CA THR A 26 1.08 -6.87 -0.95
C THR A 26 0.96 -6.20 0.39
N ILE A 27 -0.25 -5.70 0.71
CA ILE A 27 -0.47 -4.91 1.91
C ILE A 27 -1.65 -5.51 2.66
N ASN A 28 -1.49 -5.65 3.98
CA ASN A 28 -2.56 -6.12 4.86
C ASN A 28 -3.13 -4.96 5.66
N PHE A 29 -4.43 -4.79 5.55
CA PHE A 29 -5.17 -3.80 6.33
C PHE A 29 -6.15 -4.52 7.23
N LYS A 30 -6.38 -3.94 8.41
CA LYS A 30 -7.30 -4.41 9.40
C LYS A 30 -8.28 -3.30 9.71
N GLY A 31 -9.57 -3.60 9.72
CA GLY A 31 -10.54 -2.58 9.99
C GLY A 31 -11.92 -3.11 10.30
N THR A 32 -12.88 -2.19 10.27
CA THR A 32 -14.24 -2.56 10.59
C THR A 32 -14.74 -3.60 9.60
N PRO A 33 -15.30 -4.73 10.06
CA PRO A 33 -15.85 -5.70 9.11
C PRO A 33 -16.86 -5.07 8.16
N ASN A 34 -16.70 -5.42 6.90
CA ASN A 34 -17.60 -4.95 5.83
C ASN A 34 -17.45 -3.46 5.48
N SER A 35 -16.44 -2.82 6.00
CA SER A 35 -16.15 -1.43 5.62
C SER A 35 -15.67 -1.34 4.22
N THR A 36 -15.79 -0.12 3.64
CA THR A 36 -15.27 0.17 2.33
C THR A 36 -14.16 1.18 2.47
N ASN A 37 -13.14 1.04 1.62
CA ASN A 37 -11.86 1.73 1.85
C ASN A 37 -11.15 2.02 0.55
N ASN A 38 -10.35 3.07 0.50
CA ASN A 38 -9.46 3.25 -0.64
C ASN A 38 -8.27 4.07 -0.21
N GLY A 39 -7.26 4.11 -1.10
CA GLY A 39 -6.04 4.83 -0.83
C GLY A 39 -5.11 4.72 -1.98
N CYS A 40 -3.81 4.84 -1.69
CA CYS A 40 -2.83 4.69 -2.75
C CYS A 40 -1.53 4.08 -2.20
N ILE A 41 -0.68 3.71 -3.17
CA ILE A 41 0.76 3.61 -2.95
C ILE A 41 1.32 4.82 -3.72
N GLY A 42 1.85 5.78 -2.97
CA GLY A 42 2.39 7.00 -3.56
C GLY A 42 3.89 7.00 -3.52
N TYR A 43 4.52 7.68 -4.48
CA TYR A 43 5.95 7.71 -4.56
C TYR A 43 6.40 8.88 -5.36
N SER A 44 7.63 9.24 -5.13
CA SER A 44 8.25 10.35 -5.87
C SER A 44 9.05 9.77 -7.02
N TYR A 45 8.83 10.39 -8.17
CA TYR A 45 9.50 9.99 -9.41
C TYR A 45 9.82 11.25 -10.21
N ASN A 46 11.09 11.49 -10.34
CA ASN A 46 11.55 12.70 -11.02
C ASN A 46 10.87 14.03 -10.63
N GLY A 47 10.65 14.25 -9.34
CA GLY A 47 9.99 15.53 -8.91
C GLY A 47 8.47 15.57 -9.06
N ASP A 48 7.88 14.42 -9.32
CA ASP A 48 6.43 14.34 -9.31
C ASP A 48 6.07 13.34 -8.27
N TRP A 49 4.93 13.63 -7.67
CA TRP A 49 4.29 12.68 -6.77
C TRP A 49 3.28 11.92 -7.58
N GLU A 50 3.52 10.60 -7.69
CA GLU A 50 2.66 9.71 -8.45
C GLU A 50 1.96 8.74 -7.49
N LYS A 51 0.78 8.31 -7.87
CA LYS A 51 -0.08 7.51 -7.01
C LYS A 51 -0.59 6.29 -7.79
N ILE A 52 -0.52 5.13 -7.16
CA ILE A 52 -1.20 3.93 -7.65
C ILE A 52 -2.36 3.70 -6.73
N GLU A 53 -3.59 3.86 -7.24
CA GLU A 53 -4.76 3.73 -6.40
C GLU A 53 -5.09 2.30 -6.05
N TRP A 54 -5.63 2.09 -4.85
CA TRP A 54 -6.19 0.80 -4.45
C TRP A 54 -7.53 1.07 -3.79
N GLU A 55 -8.37 0.02 -3.76
CA GLU A 55 -9.65 0.07 -3.09
CA GLU A 55 -9.64 0.07 -3.04
C GLU A 55 -10.05 -1.33 -2.63
N GLY A 56 -10.85 -1.42 -1.60
CA GLY A 56 -11.43 -2.70 -1.26
C GLY A 56 -12.24 -2.63 -0.02
N SER A 57 -12.93 -3.73 0.26
CA SER A 57 -13.76 -3.83 1.46
C SER A 57 -13.13 -4.83 2.43
N CYS A 58 -13.26 -4.57 3.70
CA CYS A 58 -12.85 -5.55 4.70
C CYS A 58 -13.86 -6.70 4.69
N ASP A 59 -13.36 -7.90 4.91
CA ASP A 59 -14.24 -9.06 5.02
C ASP A 59 -14.83 -9.15 6.42
N GLY A 60 -15.50 -10.27 6.72
CA GLY A 60 -16.17 -10.43 7.99
C GLY A 60 -15.26 -10.55 9.18
N ASN A 61 -13.97 -10.84 8.94
CA ASN A 61 -12.92 -10.90 9.93
C ASN A 61 -12.22 -9.54 10.07
N GLY A 62 -12.66 -8.48 9.32
CA GLY A 62 -12.00 -7.18 9.37
C GLY A 62 -10.78 -7.08 8.50
N ASN A 63 -10.54 -8.05 7.61
CA ASN A 63 -9.30 -8.12 6.86
C ASN A 63 -9.46 -7.65 5.44
N LEU A 64 -8.44 -6.94 4.92
CA LEU A 64 -8.40 -6.53 3.54
C LEU A 64 -6.96 -6.68 3.07
N VAL A 65 -6.72 -7.51 2.06
CA VAL A 65 -5.42 -7.68 1.45
C VAL A 65 -5.46 -7.01 0.09
N VAL A 66 -4.54 -6.06 -0.11
CA VAL A 66 -4.36 -5.37 -1.36
C VAL A 66 -3.10 -5.87 -2.04
N GLU A 67 -3.19 -6.15 -3.35
CA GLU A 67 -2.10 -6.63 -4.14
CA GLU A 67 -2.03 -6.60 -4.17
C GLU A 67 -1.89 -5.68 -5.33
N VAL A 68 -0.72 -5.08 -5.44
CA VAL A 68 -0.41 -4.18 -6.54
C VAL A 68 0.86 -4.74 -7.20
N PRO A 69 0.86 -4.99 -8.50
CA PRO A 69 2.08 -5.51 -9.12
C PRO A 69 3.25 -4.51 -8.93
N MET A 70 4.42 -5.03 -8.59
CA MET A 70 5.60 -4.16 -8.48
C MET A 70 5.88 -3.42 -9.80
N SER A 71 5.50 -4.02 -10.92
CA SER A 71 5.66 -3.41 -12.23
C SER A 71 4.99 -2.06 -12.36
N LYS A 72 4.06 -1.72 -11.47
CA LYS A 72 3.43 -0.39 -11.56
C LYS A 72 4.32 0.71 -11.03
N ILE A 73 5.39 0.36 -10.29
CA ILE A 73 6.28 1.41 -9.77
C ILE A 73 7.49 1.52 -10.71
N PRO A 74 7.76 2.71 -11.27
CA PRO A 74 8.88 2.85 -12.19
C PRO A 74 10.21 2.48 -11.58
N ALA A 75 11.09 1.95 -12.41
CA ALA A 75 12.45 1.80 -12.02
C ALA A 75 13.05 3.13 -11.58
N GLY A 76 13.88 3.00 -10.56
CA GLY A 76 14.62 4.12 -10.05
C GLY A 76 13.97 4.69 -8.80
N VAL A 77 12.68 4.40 -8.57
CA VAL A 77 11.98 4.84 -7.39
C VAL A 77 12.43 4.03 -6.21
N THR A 78 12.78 4.74 -5.12
CA THR A 78 13.21 4.03 -3.94
C THR A 78 12.47 4.39 -2.72
N SER A 79 11.53 5.29 -2.76
CA SER A 79 10.77 5.54 -1.51
C SER A 79 9.38 5.96 -1.87
N GLY A 80 8.49 5.86 -0.88
CA GLY A 80 7.14 6.39 -1.03
C GLY A 80 6.35 6.25 0.25
N GLU A 81 5.01 6.38 0.12
CA GLU A 81 4.09 6.20 1.25
C GLU A 81 2.87 5.45 0.78
N ILE A 82 2.53 4.43 1.54
CA ILE A 82 1.18 3.85 1.46
C ILE A 82 0.27 4.81 2.19
N GLN A 83 -0.88 5.14 1.59
CA GLN A 83 -1.83 6.06 2.22
C GLN A 83 -3.20 5.43 2.25
N ILE A 84 -3.91 5.66 3.35
CA ILE A 84 -5.34 5.39 3.44
C ILE A 84 -6.07 6.73 3.24
N TRP A 85 -6.98 6.74 2.28
CA TRP A 85 -7.82 7.90 1.97
C TRP A 85 -9.17 7.62 2.60
N TRP A 86 -10.13 7.14 1.86
CA TRP A 86 -11.44 6.83 2.42
C TRP A 86 -11.40 5.59 3.29
N HIS A 87 -12.01 5.67 4.46
CA HIS A 87 -12.24 4.49 5.29
C HIS A 87 -13.60 4.70 5.94
N SER A 88 -14.56 3.83 5.61
CA SER A 88 -15.90 4.04 6.10
C SER A 88 -16.06 3.86 7.60
N GLY A 89 -15.24 2.98 8.15
CA GLY A 89 -15.15 2.78 9.62
C GLY A 89 -13.73 3.01 10.03
N ASP A 90 -13.16 2.05 10.75
CA ASP A 90 -11.75 2.09 11.13
C ASP A 90 -10.94 1.33 10.11
N LEU A 91 -9.69 1.74 9.88
CA LEU A 91 -8.77 0.97 9.04
C LEU A 91 -7.37 1.31 9.44
N LYS A 92 -6.49 0.31 9.50
CA LYS A 92 -5.05 0.52 9.71
C LYS A 92 -4.30 -0.50 8.87
N MET A 93 -3.10 -0.12 8.46
CA MET A 93 -2.19 -1.07 7.84
CA MET A 93 -2.17 -1.08 7.82
C MET A 93 -1.44 -1.85 8.92
N THR A 94 -1.42 -3.18 8.81
CA THR A 94 -0.66 -3.99 9.79
C THR A 94 0.65 -4.49 9.23
N ASP A 95 0.73 -4.74 7.93
CA ASP A 95 1.89 -5.41 7.35
C ASP A 95 1.96 -5.08 5.87
N TYR A 96 3.16 -5.16 5.29
CA TYR A 96 3.28 -5.24 3.83
C TYR A 96 4.43 -6.13 3.50
N LYS A 97 4.42 -6.63 2.28
CA LYS A 97 5.53 -7.39 1.74
C LYS A 97 5.79 -6.91 0.33
N ALA A 98 7.02 -6.51 0.07
CA ALA A 98 7.42 -6.06 -1.25
C ALA A 98 8.85 -6.54 -1.49
N LEU A 99 9.09 -7.24 -2.58
CA LEU A 99 10.41 -7.76 -2.87
C LEU A 99 10.83 -8.63 -1.70
N GLU A 100 12.02 -8.44 -1.18
CA GLU A 100 12.49 -9.26 -0.05
C GLU A 100 12.15 -8.72 1.32
N HIS A 101 11.38 -7.64 1.40
CA HIS A 101 11.10 -7.02 2.67
C HIS A 101 9.73 -7.43 3.20
N HIS A 102 9.75 -8.09 4.34
CA HIS A 102 8.55 -8.46 5.11
C HIS A 102 8.40 -7.48 6.27
N HIS A 103 7.48 -6.54 6.19
CA HIS A 103 7.31 -5.49 7.16
C HIS A 103 6.10 -5.68 8.01
N HIS A 104 6.26 -5.54 9.31
CA HIS A 104 5.15 -5.44 10.26
C HIS A 104 5.11 -4.04 10.83
N HIS A 105 3.93 -3.43 10.84
CA HIS A 105 3.71 -2.15 11.48
C HIS A 105 3.27 -2.47 12.97
N HIS A 106 4.10 -2.14 13.92
CA HIS A 106 3.76 -2.37 15.32
C HIS A 106 2.52 -1.54 15.73
#